data_6HRO
#
_entry.id   6HRO
#
_cell.length_a   115.120
_cell.length_b   115.120
_cell.length_c   308.860
_cell.angle_alpha   90.00
_cell.angle_beta   90.00
_cell.angle_gamma   120.00
#
_symmetry.space_group_name_H-M   'H 3 2'
#
loop_
_entity.id
_entity.type
_entity.pdbx_description
1 polymer 'Envelope glycoprotein,Envelope glycoprotein,Envelope glycoprotein'
2 polymer 'Envelope glycoprotein'
3 branched alpha-D-mannopyranose-(1-3)-[alpha-D-mannopyranose-(1-6)]beta-D-mannopyranose-(1-4)-2-acetamido-2-deoxy-beta-D-glucopyranose-(1-4)-2-acetamido-2-deoxy-beta-D-glucopyranose
4 non-polymer 2-acetamido-2-deoxy-beta-D-glucopyranose
5 non-polymer GLYCEROL
6 non-polymer 1-[2-[4-[4-(4-chlorophenyl)-3-methyl-1~{H}-pyrazol-5-yl]-3-oxidanyl-phenoxy]ethyl]piperidin-1-ium-4-carboxamide
7 non-polymer 'DIMETHYL SULFOXIDE'
8 water water
#
loop_
_entity_poly.entity_id
_entity_poly.type
_entity_poly.pdbx_seq_one_letter_code
_entity_poly.pdbx_strand_id
1 'polypeptide(L)'
;ETGRSIPLGVIHNSALQVSDVDKLVCRDKLSSTNQLRSVGLNLEGNGVATDVPSATKRWGFRSGVPPKVVNYEAGEWAEN
CYNLEIKKPDGSECLPAAPDGIRGFPRCRYVHKVSGTGPCAGDFAFHKEGAFFLYDRLASTVIYRGTTFAEGVVAFLILP
QAKKDFFSSHPLREPVNATEDPSSGYYSTTIRYQATGFGTNETEYLFEVDNLTYVQLESRFTPQFLLQLNETIYTSGKRS
NTTGKLIWKVNPEIDTTIGEWAFWETKKNLTRKIRSEELSFTVVS(UNK)(UNK)(UNK)(UNK)(UNK)(UNK)(UNK)
(UNK)THHQDTGEESASSGKLGLITNTIAGVAGLITGGRRTRR
;
A
2 'polypeptide(L)'
;EAIVNAQPKCNPNLHYWTTQDEGAAIGLAWIPYFGPAAEGIYIEGLMHNQDGLICGLRQLANETTQALQLFLRATTELRT
FSILNRKAIDFLLQRWGGTCHILGPDCCIEPADWTKNITDKIDQIIHDFVDGSGYIPEAPRDGQAYVRKDGEWVLLSTFL
GTHHHHHH
;
B
#
# COMPACT_ATOMS: atom_id res chain seq x y z
N GLY A 3 12.09 -2.06 20.95
CA GLY A 3 12.82 -2.31 19.72
C GLY A 3 12.68 -3.72 19.19
N ARG A 4 12.86 -3.88 17.89
CA ARG A 4 12.79 -5.17 17.22
C ARG A 4 13.52 -5.06 15.89
N SER A 5 13.98 -6.21 15.40
CA SER A 5 14.64 -6.26 14.11
C SER A 5 13.58 -6.30 13.00
N ILE A 6 13.82 -5.53 11.95
CA ILE A 6 12.90 -5.47 10.82
C ILE A 6 12.96 -6.80 10.06
N PRO A 7 11.86 -7.54 9.99
CA PRO A 7 11.90 -8.87 9.36
C PRO A 7 12.08 -8.78 7.85
N LEU A 8 12.51 -9.90 7.28
CA LEU A 8 12.90 -9.99 5.88
C LEU A 8 12.31 -11.28 5.31
N GLY A 9 11.68 -11.17 4.14
CA GLY A 9 11.02 -12.31 3.53
C GLY A 9 11.97 -13.07 2.62
N VAL A 10 11.94 -14.39 2.73
CA VAL A 10 12.79 -15.27 1.93
C VAL A 10 12.02 -16.55 1.62
N ILE A 11 12.30 -17.12 0.46
CA ILE A 11 11.62 -18.33 0.00
C ILE A 11 12.49 -19.53 0.34
N HIS A 12 11.93 -20.45 1.14
CA HIS A 12 12.59 -21.71 1.47
CA HIS A 12 12.59 -21.71 1.47
C HIS A 12 11.56 -22.83 1.40
N ASN A 13 11.96 -23.95 0.80
CA ASN A 13 11.11 -25.13 0.68
C ASN A 13 9.75 -24.78 0.06
N SER A 14 9.79 -24.00 -1.02
CA SER A 14 8.59 -23.62 -1.79
C SER A 14 7.57 -22.89 -0.91
N ALA A 15 8.06 -22.04 -0.02
CA ALA A 15 7.18 -21.28 0.86
C ALA A 15 7.91 -20.04 1.34
N LEU A 16 7.16 -18.96 1.51
CA LEU A 16 7.70 -17.73 2.07
C LEU A 16 7.83 -17.86 3.58
N GLN A 17 8.95 -17.37 4.11
CA GLN A 17 9.23 -17.40 5.53
C GLN A 17 9.82 -16.08 5.96
N VAL A 18 9.67 -15.77 7.24
CA VAL A 18 10.30 -14.58 7.82
C VAL A 18 11.66 -14.98 8.35
N SER A 19 12.64 -14.11 8.15
CA SER A 19 14.00 -14.36 8.62
C SER A 19 14.72 -13.02 8.69
N ASP A 20 16.05 -13.06 8.70
CA ASP A 20 16.86 -11.86 8.65
C ASP A 20 18.23 -12.24 8.11
N VAL A 21 19.02 -11.22 7.77
CA VAL A 21 20.31 -11.46 7.14
C VAL A 21 21.24 -12.24 8.06
N ASP A 22 21.05 -12.13 9.38
CA ASP A 22 21.88 -12.85 10.31
C ASP A 22 21.46 -14.31 10.50
N LYS A 23 20.29 -14.69 10.00
CA LYS A 23 19.73 -16.02 10.21
C LYS A 23 19.64 -16.83 8.91
N LEU A 24 20.56 -16.59 7.98
CA LEU A 24 20.58 -17.33 6.73
C LEU A 24 21.77 -18.29 6.71
N VAL A 25 21.60 -19.39 5.99
CA VAL A 25 22.66 -20.39 5.85
C VAL A 25 23.53 -20.02 4.65
N CYS A 26 24.68 -20.68 4.52
CA CYS A 26 25.64 -20.33 3.47
C CYS A 26 25.09 -20.57 2.07
N ARG A 27 24.13 -21.48 1.91
CA ARG A 27 23.58 -21.76 0.59
C ARG A 27 22.67 -20.65 0.08
N ASP A 28 22.14 -19.80 0.96
CA ASP A 28 21.44 -18.61 0.51
C ASP A 28 22.43 -17.62 -0.06
N LYS A 29 22.13 -17.08 -1.24
CA LYS A 29 23.06 -16.25 -1.99
C LYS A 29 22.45 -14.89 -2.28
N LEU A 30 23.21 -13.83 -2.00
CA LEU A 30 22.84 -12.45 -2.32
C LEU A 30 23.98 -11.85 -3.14
N SER A 31 23.77 -11.71 -4.45
CA SER A 31 24.83 -11.29 -5.35
C SER A 31 24.75 -9.84 -5.78
N SER A 32 23.68 -9.11 -5.44
CA SER A 32 23.60 -7.69 -5.75
C SER A 32 22.43 -7.08 -4.98
N THR A 33 22.51 -5.77 -4.76
CA THR A 33 21.43 -5.05 -4.10
C THR A 33 20.13 -5.12 -4.88
N ASN A 34 20.17 -5.54 -6.15
CA ASN A 34 18.96 -5.67 -6.93
C ASN A 34 18.10 -6.84 -6.50
N GLN A 35 18.64 -7.77 -5.70
CA GLN A 35 17.85 -8.86 -5.17
C GLN A 35 16.98 -8.44 -4.00
N LEU A 36 17.25 -7.27 -3.42
CA LEU A 36 16.46 -6.75 -2.30
C LEU A 36 15.38 -5.82 -2.83
N ARG A 37 14.18 -5.93 -2.28
CA ARG A 37 13.04 -5.13 -2.72
C ARG A 37 12.20 -4.72 -1.54
N SER A 38 11.62 -3.52 -1.64
CA SER A 38 10.63 -3.02 -0.71
C SER A 38 9.32 -2.82 -1.46
N VAL A 39 8.22 -3.32 -0.89
CA VAL A 39 6.93 -3.34 -1.58
C VAL A 39 5.84 -2.91 -0.61
N GLY A 40 4.76 -2.36 -1.17
CA GLY A 40 3.63 -1.88 -0.40
C GLY A 40 2.37 -2.64 -0.77
N LEU A 41 1.71 -3.18 0.24
CA LEU A 41 0.50 -3.97 0.09
C LEU A 41 -0.68 -3.21 0.70
N ASN A 42 -1.84 -3.26 0.03
CA ASN A 42 -3.00 -2.47 0.41
C ASN A 42 -3.86 -3.22 1.42
N LEU A 43 -4.37 -2.47 2.41
CA LEU A 43 -5.28 -3.04 3.39
C LEU A 43 -6.51 -3.62 2.73
N GLU A 44 -6.88 -3.10 1.55
CA GLU A 44 -7.98 -3.64 0.76
C GLU A 44 -7.90 -5.15 0.66
N GLY A 45 -6.71 -5.67 0.34
CA GLY A 45 -6.50 -7.08 0.11
C GLY A 45 -6.66 -7.98 1.32
N ASN A 46 -6.89 -7.42 2.49
CA ASN A 46 -7.08 -8.19 3.71
C ASN A 46 -8.54 -8.24 4.15
N GLY A 47 -9.44 -7.58 3.42
CA GLY A 47 -10.86 -7.67 3.68
C GLY A 47 -11.47 -6.52 4.44
N VAL A 48 -10.73 -5.45 4.68
CA VAL A 48 -11.25 -4.34 5.47
C VAL A 48 -12.37 -3.64 4.70
N ALA A 49 -13.34 -3.11 5.43
CA ALA A 49 -14.37 -2.30 4.81
C ALA A 49 -13.76 -1.03 4.24
N THR A 50 -14.19 -0.67 3.03
CA THR A 50 -13.57 0.42 2.29
C THR A 50 -14.49 1.62 2.09
N ASP A 51 -15.76 1.53 2.51
CA ASP A 51 -16.67 2.66 2.39
C ASP A 51 -16.16 3.83 3.23
N VAL A 52 -16.55 5.04 2.82
CA VAL A 52 -16.03 6.25 3.47
C VAL A 52 -16.35 6.29 4.97
N PRO A 53 -17.56 5.97 5.43
CA PRO A 53 -17.80 6.01 6.89
C PRO A 53 -16.92 5.06 7.68
N SER A 54 -16.71 3.84 7.18
CA SER A 54 -15.88 2.88 7.90
C SER A 54 -14.41 3.27 7.86
N ALA A 55 -13.93 3.75 6.70
CA ALA A 55 -12.50 4.03 6.56
C ALA A 55 -12.07 5.20 7.44
N THR A 56 -12.86 6.27 7.48
CA THR A 56 -12.46 7.45 8.24
C THR A 56 -12.39 7.19 9.74
N LYS A 57 -13.11 6.17 10.23
CA LYS A 57 -13.04 5.85 11.64
C LYS A 57 -11.70 5.24 12.04
N ARG A 58 -10.87 4.86 11.08
CA ARG A 58 -9.55 4.32 11.37
C ARG A 58 -8.47 5.39 11.50
N TRP A 59 -8.84 6.67 11.37
CA TRP A 59 -7.88 7.78 11.39
C TRP A 59 -8.26 8.77 12.48
N GLY A 60 -7.25 9.38 13.10
CA GLY A 60 -7.49 10.31 14.17
C GLY A 60 -6.36 11.31 14.35
N PHE A 61 -6.67 12.41 15.02
CA PHE A 61 -5.73 13.51 15.21
C PHE A 61 -4.98 13.38 16.53
N ARG A 62 -3.71 13.76 16.52
CA ARG A 62 -2.84 13.61 17.68
C ARG A 62 -1.69 14.61 17.56
N SER A 63 -1.32 15.22 18.69
CA SER A 63 -0.21 16.16 18.75
C SER A 63 0.96 15.52 19.49
N GLY A 64 2.15 16.07 19.25
CA GLY A 64 3.33 15.67 19.99
C GLY A 64 4.19 14.62 19.33
N VAL A 65 3.77 14.07 18.20
CA VAL A 65 4.48 12.99 17.52
C VAL A 65 4.95 13.50 16.17
N PRO A 66 6.26 13.56 15.90
CA PRO A 66 6.73 14.03 14.59
C PRO A 66 6.46 13.01 13.50
N PRO A 67 6.02 13.46 12.33
CA PRO A 67 5.76 12.52 11.23
C PRO A 67 7.04 11.92 10.68
N LYS A 68 6.90 10.74 10.06
CA LYS A 68 8.02 10.01 9.49
C LYS A 68 7.61 9.41 8.15
N VAL A 69 8.60 9.29 7.25
CA VAL A 69 8.39 8.84 5.87
C VAL A 69 9.42 7.77 5.53
N VAL A 70 8.97 6.74 4.81
CA VAL A 70 9.86 5.69 4.31
C VAL A 70 9.43 5.35 2.88
N ASN A 71 10.42 5.07 2.03
CA ASN A 71 10.13 4.79 0.63
C ASN A 71 9.83 3.32 0.41
N TYR A 72 9.16 3.04 -0.70
CA TYR A 72 8.95 1.69 -1.19
C TYR A 72 8.99 1.72 -2.71
N GLU A 73 9.32 0.58 -3.30
CA GLU A 73 9.68 0.54 -4.71
C GLU A 73 8.55 0.09 -5.64
N ALA A 74 7.56 -0.63 -5.12
CA ALA A 74 6.50 -1.14 -5.98
C ALA A 74 5.23 -1.32 -5.15
N GLY A 75 4.07 -1.19 -5.81
CA GLY A 75 2.80 -1.23 -5.12
C GLY A 75 1.75 -2.00 -5.88
N GLU A 76 0.54 -1.99 -5.33
CA GLU A 76 -0.59 -2.76 -5.84
C GLU A 76 -1.66 -1.82 -6.36
N TRP A 77 -2.30 -2.20 -7.48
CA TRP A 77 -3.42 -1.42 -7.99
C TRP A 77 -4.54 -1.39 -6.95
N ALA A 78 -5.09 -0.20 -6.72
CA ALA A 78 -6.09 -0.02 -5.69
C ALA A 78 -7.48 0.18 -6.30
N GLU A 79 -8.49 -0.36 -5.62
CA GLU A 79 -9.86 -0.07 -6.01
C GLU A 79 -10.35 1.21 -5.34
N ASN A 80 -9.97 1.43 -4.09
CA ASN A 80 -10.41 2.59 -3.30
C ASN A 80 -9.21 3.38 -2.82
N CYS A 81 -9.24 4.68 -3.08
CA CYS A 81 -8.29 5.65 -2.55
C CYS A 81 -9.07 6.81 -1.95
N TYR A 82 -8.37 7.70 -1.25
CA TYR A 82 -9.03 8.77 -0.52
C TYR A 82 -8.23 10.06 -0.63
N ASN A 83 -8.95 11.18 -0.59
CA ASN A 83 -8.39 12.51 -0.80
C ASN A 83 -9.20 13.49 0.03
N LEU A 84 -8.56 14.13 1.01
CA LEU A 84 -9.27 14.86 2.07
C LEU A 84 -8.98 16.35 2.02
N GLU A 85 -10.04 17.17 2.16
CA GLU A 85 -9.95 18.62 2.29
C GLU A 85 -10.81 19.03 3.49
N ILE A 86 -10.25 18.95 4.69
CA ILE A 86 -10.98 19.19 5.93
C ILE A 86 -10.49 20.50 6.54
N LYS A 87 -11.44 21.32 6.99
CA LYS A 87 -11.16 22.57 7.69
C LYS A 87 -11.87 22.58 9.03
N LYS A 88 -11.41 23.46 9.92
CA LYS A 88 -12.17 23.73 11.13
C LYS A 88 -13.31 24.69 10.80
N PRO A 89 -14.36 24.72 11.63
CA PRO A 89 -15.48 25.64 11.35
C PRO A 89 -15.06 27.10 11.26
N ASP A 90 -13.92 27.48 11.82
CA ASP A 90 -13.42 28.85 11.69
C ASP A 90 -12.64 29.08 10.41
N GLY A 91 -12.53 28.06 9.54
CA GLY A 91 -11.94 28.22 8.23
C GLY A 91 -10.50 27.76 8.10
N SER A 92 -9.82 27.51 9.21
CA SER A 92 -8.41 27.13 9.15
C SER A 92 -8.27 25.68 8.69
N GLU A 93 -7.16 25.41 8.01
CA GLU A 93 -6.91 24.08 7.46
C GLU A 93 -6.56 23.09 8.57
N CYS A 94 -7.07 21.87 8.44
CA CYS A 94 -6.78 20.81 9.39
C CYS A 94 -5.56 19.97 9.01
N LEU A 95 -5.22 19.92 7.73
CA LEU A 95 -4.16 19.05 7.24
C LEU A 95 -3.05 19.87 6.60
N PRO A 96 -1.81 19.40 6.68
CA PRO A 96 -0.71 20.14 6.07
C PRO A 96 -0.60 19.88 4.58
N ALA A 97 -0.08 20.88 3.88
CA ALA A 97 0.18 20.72 2.45
C ALA A 97 1.23 19.64 2.23
N ALA A 98 1.15 19.01 1.06
CA ALA A 98 2.02 17.89 0.76
C ALA A 98 3.47 18.37 0.64
N PRO A 99 4.41 17.74 1.34
CA PRO A 99 5.81 18.14 1.21
C PRO A 99 6.31 17.96 -0.22
N ASP A 100 7.39 18.68 -0.53
CA ASP A 100 8.00 18.60 -1.84
C ASP A 100 8.31 17.16 -2.21
N GLY A 101 7.86 16.75 -3.41
CA GLY A 101 8.17 15.43 -3.92
C GLY A 101 7.23 14.33 -3.52
N ILE A 102 6.15 14.62 -2.80
CA ILE A 102 5.18 13.62 -2.40
C ILE A 102 3.92 13.84 -3.25
N ARG A 103 3.63 12.88 -4.12
CA ARG A 103 2.52 12.91 -5.04
C ARG A 103 1.52 11.80 -4.66
N GLY A 104 0.36 11.85 -5.32
CA GLY A 104 -0.70 10.92 -4.96
C GLY A 104 -0.42 9.50 -5.43
N PHE A 105 -1.09 8.55 -4.79
CA PHE A 105 -0.98 7.15 -5.16
C PHE A 105 -1.37 6.97 -6.63
N PRO A 106 -0.60 6.21 -7.41
CA PRO A 106 -0.72 6.29 -8.87
C PRO A 106 -1.74 5.37 -9.54
N ARG A 107 -2.40 4.46 -8.81
CA ARG A 107 -3.35 3.54 -9.44
C ARG A 107 -4.57 3.39 -8.52
N CYS A 108 -5.62 4.14 -8.83
CA CYS A 108 -6.86 4.13 -8.04
C CYS A 108 -8.04 4.04 -8.98
N ARG A 109 -8.85 2.98 -8.82
CA ARG A 109 -10.06 2.87 -9.61
C ARG A 109 -11.10 3.90 -9.17
N TYR A 110 -11.24 4.09 -7.86
CA TYR A 110 -12.16 5.08 -7.31
C TYR A 110 -11.41 5.95 -6.32
N VAL A 111 -11.53 7.26 -6.50
CA VAL A 111 -10.93 8.24 -5.60
C VAL A 111 -12.05 8.91 -4.83
N HIS A 112 -12.19 8.56 -3.55
CA HIS A 112 -13.20 9.15 -2.70
C HIS A 112 -12.68 10.48 -2.17
N LYS A 113 -13.21 11.59 -2.68
CA LYS A 113 -12.75 12.94 -2.33
C LYS A 113 -13.72 13.55 -1.34
N VAL A 114 -13.26 13.77 -0.11
CA VAL A 114 -14.10 14.23 0.99
C VAL A 114 -13.72 15.67 1.33
N SER A 115 -14.71 16.56 1.32
CA SER A 115 -14.53 17.94 1.75
C SER A 115 -15.53 18.23 2.87
N GLY A 116 -15.08 18.95 3.89
CA GLY A 116 -15.98 19.26 4.99
C GLY A 116 -15.27 19.88 6.17
N THR A 117 -15.90 19.73 7.35
CA THR A 117 -15.44 20.39 8.56
C THR A 117 -15.43 19.41 9.72
N GLY A 118 -14.61 19.74 10.72
CA GLY A 118 -14.51 18.98 11.95
C GLY A 118 -13.68 19.74 12.96
N PRO A 119 -13.61 19.25 14.21
CA PRO A 119 -12.86 19.96 15.24
C PRO A 119 -11.35 19.83 15.09
N CYS A 120 -10.90 18.66 14.61
CA CYS A 120 -9.49 18.42 14.30
C CYS A 120 -8.60 18.69 15.51
N ALA A 121 -8.82 17.93 16.58
CA ALA A 121 -8.14 18.16 17.86
C ALA A 121 -6.77 17.47 17.85
N GLY A 122 -5.86 18.01 17.05
CA GLY A 122 -4.52 17.47 16.97
C GLY A 122 -3.74 18.00 15.79
N ASP A 123 -2.40 18.02 15.90
CA ASP A 123 -1.59 18.64 14.86
C ASP A 123 -1.55 17.79 13.60
N PHE A 124 -1.56 16.47 13.74
CA PHE A 124 -1.46 15.57 12.60
C PHE A 124 -2.48 14.44 12.74
N ALA A 125 -2.87 13.87 11.60
CA ALA A 125 -3.82 12.77 11.54
C ALA A 125 -3.05 11.48 11.28
N PHE A 126 -3.19 10.51 12.19
CA PHE A 126 -2.49 9.24 12.13
C PHE A 126 -3.48 8.10 11.89
N HIS A 127 -2.94 6.93 11.58
CA HIS A 127 -3.74 5.72 11.43
C HIS A 127 -3.88 5.05 12.79
N LYS A 128 -5.12 4.86 13.24
CA LYS A 128 -5.39 4.35 14.58
C LYS A 128 -4.94 2.91 14.76
N GLU A 129 -4.71 2.17 13.67
CA GLU A 129 -4.28 0.79 13.75
C GLU A 129 -2.80 0.61 13.43
N GLY A 130 -2.05 1.70 13.26
CA GLY A 130 -0.63 1.62 13.02
C GLY A 130 -0.23 1.41 11.58
N ALA A 131 -1.20 1.41 10.64
CA ALA A 131 -0.89 1.25 9.24
C ALA A 131 -0.29 2.54 8.68
N PHE A 132 0.05 2.52 7.40
CA PHE A 132 0.63 3.66 6.73
C PHE A 132 -0.34 4.21 5.70
N PHE A 133 -0.10 5.47 5.33
CA PHE A 133 -0.78 6.08 4.20
C PHE A 133 0.19 6.07 3.03
N LEU A 134 -0.19 5.37 1.96
CA LEU A 134 0.68 5.11 0.83
C LEU A 134 0.47 6.18 -0.23
N TYR A 135 1.56 6.86 -0.60
CA TYR A 135 1.58 7.82 -1.68
C TYR A 135 2.40 7.25 -2.84
N ASP A 136 2.92 8.12 -3.69
CA ASP A 136 3.70 7.67 -4.85
C ASP A 136 5.08 7.18 -4.42
N ARG A 137 5.17 5.90 -4.08
CA ARG A 137 6.41 5.23 -3.70
C ARG A 137 7.04 5.85 -2.45
N LEU A 138 6.23 6.56 -1.66
CA LEU A 138 6.60 7.03 -0.34
C LEU A 138 5.45 6.72 0.60
N ALA A 139 5.76 6.16 1.77
CA ALA A 139 4.76 5.86 2.78
C ALA A 139 4.96 6.77 3.98
N SER A 140 3.87 7.35 4.47
CA SER A 140 3.94 8.30 5.57
C SER A 140 3.02 7.85 6.71
N THR A 141 3.34 8.33 7.92
CA THR A 141 2.50 8.04 9.08
C THR A 141 1.35 9.01 9.24
N VAL A 142 1.27 10.06 8.40
CA VAL A 142 0.23 11.08 8.52
C VAL A 142 -0.40 11.35 7.16
N ILE A 143 -1.53 12.05 7.19
CA ILE A 143 -2.33 12.39 6.01
C ILE A 143 -1.98 13.81 5.59
N TYR A 144 -1.75 14.01 4.30
CA TYR A 144 -1.50 15.32 3.74
C TYR A 144 -2.72 15.85 3.02
N ARG A 145 -2.86 17.17 3.02
CA ARG A 145 -4.05 17.81 2.45
C ARG A 145 -4.15 17.57 0.94
N GLY A 146 -5.37 17.25 0.50
CA GLY A 146 -5.71 17.14 -0.91
C GLY A 146 -4.80 16.22 -1.72
N THR A 147 -4.34 15.14 -1.12
CA THR A 147 -3.36 14.26 -1.74
C THR A 147 -3.85 12.82 -1.66
N THR A 148 -4.02 12.19 -2.82
CA THR A 148 -4.65 10.88 -2.90
C THR A 148 -3.76 9.80 -2.31
N PHE A 149 -4.32 8.98 -1.42
CA PHE A 149 -3.57 7.92 -0.76
C PHE A 149 -4.39 6.64 -0.69
N ALA A 150 -3.68 5.53 -0.46
CA ALA A 150 -4.28 4.26 -0.10
C ALA A 150 -3.69 3.78 1.23
N GLU A 151 -4.52 3.11 2.03
CA GLU A 151 -4.05 2.53 3.28
C GLU A 151 -3.27 1.26 2.98
N GLY A 152 -2.13 1.09 3.65
CA GLY A 152 -1.34 -0.10 3.40
C GLY A 152 -0.19 -0.27 4.36
N VAL A 153 0.63 -1.28 4.07
CA VAL A 153 1.78 -1.67 4.89
C VAL A 153 2.91 -2.10 3.96
N VAL A 154 4.12 -2.15 4.52
CA VAL A 154 5.35 -2.37 3.75
C VAL A 154 6.01 -3.67 4.16
N ALA A 155 6.63 -4.35 3.19
CA ALA A 155 7.38 -5.56 3.43
C ALA A 155 8.72 -5.49 2.69
N PHE A 156 9.68 -6.28 3.16
CA PHE A 156 11.04 -6.29 2.60
C PHE A 156 11.40 -7.73 2.23
N LEU A 157 11.98 -7.89 1.04
CA LEU A 157 12.18 -9.21 0.46
C LEU A 157 13.61 -9.40 -0.05
N ILE A 158 14.05 -10.65 -0.03
CA ILE A 158 15.23 -11.09 -0.77
C ILE A 158 14.73 -12.00 -1.89
N LEU A 159 15.06 -11.66 -3.13
CA LEU A 159 14.57 -12.52 -4.19
C LEU A 159 15.55 -13.66 -4.48
N PRO A 160 15.07 -14.80 -4.96
CA PRO A 160 15.98 -15.88 -5.34
C PRO A 160 16.86 -15.48 -6.51
N GLN A 161 17.91 -16.29 -6.72
CA GLN A 161 18.77 -16.10 -7.88
C GLN A 161 17.98 -16.22 -9.17
N ALA A 162 17.28 -17.34 -9.36
CA ALA A 162 16.46 -17.56 -10.53
C ALA A 162 15.10 -16.89 -10.34
N LYS A 163 14.18 -17.14 -11.26
CA LYS A 163 12.85 -16.57 -11.19
C LYS A 163 11.90 -17.38 -12.04
N LYS A 164 10.65 -17.48 -11.58
CA LYS A 164 9.61 -18.19 -12.31
C LYS A 164 8.22 -17.72 -11.87
N SER A 184 -5.24 -4.41 -20.49
CA SER A 184 -6.22 -3.35 -20.24
C SER A 184 -5.53 -2.08 -19.76
N GLY A 185 -6.22 -0.95 -19.92
CA GLY A 185 -5.68 0.35 -19.54
C GLY A 185 -5.95 0.70 -18.10
N TYR A 186 -5.93 2.00 -17.82
CA TYR A 186 -6.10 2.53 -16.47
C TYR A 186 -7.22 3.56 -16.48
N TYR A 187 -8.30 3.27 -15.75
CA TYR A 187 -9.42 4.17 -15.59
C TYR A 187 -9.55 4.58 -14.13
N SER A 188 -9.86 5.87 -13.90
CA SER A 188 -10.02 6.39 -12.55
C SER A 188 -11.23 7.31 -12.52
N THR A 189 -12.04 7.18 -11.46
CA THR A 189 -13.27 7.94 -11.30
C THR A 189 -13.28 8.60 -9.94
N THR A 190 -13.58 9.89 -9.90
CA THR A 190 -13.63 10.65 -8.65
C THR A 190 -15.05 10.69 -8.13
N ILE A 191 -15.21 10.36 -6.85
CA ILE A 191 -16.50 10.37 -6.16
C ILE A 191 -16.40 11.36 -5.02
N ARG A 192 -17.24 12.41 -5.06
CA ARG A 192 -17.12 13.53 -4.15
C ARG A 192 -18.14 13.44 -3.01
N TYR A 193 -17.71 13.88 -1.83
CA TYR A 193 -18.53 13.85 -0.62
C TYR A 193 -18.39 15.16 0.14
N GLN A 194 -19.44 15.51 0.86
CA GLN A 194 -19.39 16.56 1.88
C GLN A 194 -19.56 15.92 3.25
N ALA A 195 -18.91 16.50 4.26
CA ALA A 195 -18.90 15.91 5.59
C ALA A 195 -18.98 17.01 6.65
N THR A 196 -19.65 16.70 7.75
CA THR A 196 -19.67 17.54 8.93
C THR A 196 -19.31 16.68 10.14
N GLY A 197 -18.75 17.33 11.16
CA GLY A 197 -18.29 16.61 12.34
C GLY A 197 -17.26 15.56 12.02
N PHE A 198 -16.33 15.87 11.12
CA PHE A 198 -15.35 14.88 10.69
C PHE A 198 -14.45 14.47 11.84
N GLY A 199 -14.15 13.17 11.91
CA GLY A 199 -13.26 12.67 12.92
C GLY A 199 -13.85 12.58 14.31
N THR A 200 -15.18 12.59 14.43
CA THR A 200 -15.81 12.44 15.73
C THR A 200 -16.80 11.27 15.72
N ASN A 201 -17.55 11.13 16.82
CA ASN A 201 -18.55 10.07 16.91
C ASN A 201 -19.84 10.40 16.17
N GLU A 202 -20.03 11.66 15.77
CA GLU A 202 -21.28 12.11 15.15
C GLU A 202 -21.05 12.66 13.75
N THR A 203 -20.31 11.93 12.92
CA THR A 203 -20.01 12.40 11.57
C THR A 203 -21.17 12.06 10.63
N GLU A 204 -21.50 13.00 9.76
CA GLU A 204 -22.54 12.81 8.75
C GLU A 204 -21.96 13.09 7.37
N TYR A 205 -22.33 12.25 6.40
CA TYR A 205 -21.78 12.29 5.07
C TYR A 205 -22.88 12.45 4.02
N LEU A 206 -22.53 13.13 2.94
CA LEU A 206 -23.44 13.33 1.80
C LEU A 206 -22.68 13.07 0.51
N PHE A 207 -23.27 12.23 -0.35
CA PHE A 207 -22.72 12.02 -1.68
C PHE A 207 -23.22 13.11 -2.62
N GLU A 208 -22.30 13.66 -3.42
CA GLU A 208 -22.58 14.85 -4.21
C GLU A 208 -22.93 14.47 -5.64
N VAL A 209 -24.16 14.76 -6.05
CA VAL A 209 -24.59 14.60 -7.43
C VAL A 209 -24.24 15.82 -8.26
N ASP A 210 -24.67 17.00 -7.83
CA ASP A 210 -24.12 18.26 -8.33
C ASP A 210 -24.00 19.21 -7.13
N ASN A 211 -23.68 20.47 -7.40
CA ASN A 211 -23.46 21.43 -6.32
C ASN A 211 -24.72 21.72 -5.51
N LEU A 212 -25.90 21.25 -5.95
CA LEU A 212 -27.14 21.49 -5.24
C LEU A 212 -27.97 20.23 -5.02
N THR A 213 -27.48 19.06 -5.40
CA THR A 213 -28.22 17.82 -5.27
C THR A 213 -27.33 16.78 -4.59
N TYR A 214 -27.81 16.24 -3.47
CA TYR A 214 -26.99 15.36 -2.64
C TYR A 214 -27.81 14.14 -2.21
N VAL A 215 -27.10 13.10 -1.82
CA VAL A 215 -27.69 11.85 -1.33
C VAL A 215 -27.08 11.54 0.03
N GLN A 216 -27.93 11.28 1.02
CA GLN A 216 -27.45 10.94 2.36
C GLN A 216 -26.76 9.59 2.33
N LEU A 217 -25.52 9.54 2.81
CA LEU A 217 -24.66 8.38 2.60
C LEU A 217 -24.89 7.30 3.64
N GLU A 218 -24.78 6.05 3.20
CA GLU A 218 -24.86 4.87 4.05
C GLU A 218 -23.60 4.03 3.88
N SER A 219 -23.24 3.30 4.93
CA SER A 219 -22.04 2.47 4.87
C SER A 219 -22.18 1.35 3.84
N ARG A 220 -23.42 0.93 3.56
CA ARG A 220 -23.65 -0.20 2.66
C ARG A 220 -23.56 0.18 1.19
N PHE A 221 -23.48 1.47 0.86
CA PHE A 221 -23.42 1.89 -0.53
C PHE A 221 -22.04 1.57 -1.11
N THR A 222 -22.02 0.79 -2.19
CA THR A 222 -20.79 0.49 -2.92
C THR A 222 -20.48 1.58 -3.93
N PRO A 223 -19.25 1.62 -4.47
CA PRO A 223 -18.94 2.66 -5.47
C PRO A 223 -19.83 2.62 -6.69
N GLN A 224 -20.05 1.42 -7.27
CA GLN A 224 -20.83 1.33 -8.48
C GLN A 224 -22.30 1.62 -8.22
N PHE A 225 -22.79 1.35 -7.01
CA PHE A 225 -24.15 1.76 -6.66
C PHE A 225 -24.27 3.27 -6.66
N LEU A 226 -23.26 3.96 -6.13
CA LEU A 226 -23.27 5.43 -6.14
C LEU A 226 -23.21 5.97 -7.55
N LEU A 227 -22.41 5.33 -8.42
CA LEU A 227 -22.27 5.83 -9.78
C LEU A 227 -23.55 5.62 -10.59
N GLN A 228 -24.23 4.48 -10.38
CA GLN A 228 -25.45 4.23 -11.11
C GLN A 228 -26.62 5.00 -10.53
N LEU A 229 -26.65 5.18 -9.20
CA LEU A 229 -27.63 6.07 -8.61
C LEU A 229 -27.47 7.49 -9.12
N ASN A 230 -26.21 7.92 -9.29
CA ASN A 230 -25.95 9.23 -9.89
C ASN A 230 -26.48 9.29 -11.32
N GLU A 231 -26.34 8.20 -12.07
CA GLU A 231 -26.80 8.19 -13.45
C GLU A 231 -28.31 8.29 -13.54
N THR A 232 -29.03 7.52 -12.72
CA THR A 232 -30.49 7.55 -12.77
C THR A 232 -31.03 8.93 -12.40
N ILE A 233 -30.36 9.62 -11.48
CA ILE A 233 -30.81 10.96 -11.09
C ILE A 233 -30.68 11.92 -12.27
N TYR A 234 -29.55 11.85 -12.99
CA TYR A 234 -29.35 12.74 -14.14
C TYR A 234 -30.32 12.41 -15.27
N THR A 235 -30.59 11.13 -15.49
CA THR A 235 -31.42 10.71 -16.62
C THR A 235 -32.91 10.73 -16.31
N SER A 236 -33.30 10.70 -15.04
CA SER A 236 -34.70 10.85 -14.68
C SER A 236 -35.09 12.30 -14.40
N GLY A 237 -34.12 13.21 -14.43
CA GLY A 237 -34.41 14.62 -14.17
C GLY A 237 -34.77 14.90 -12.72
N LYS A 238 -34.07 14.27 -11.77
CA LYS A 238 -34.34 14.45 -10.36
C LYS A 238 -33.30 15.35 -9.69
N ARG A 239 -32.58 16.14 -10.46
CA ARG A 239 -31.70 17.15 -9.89
C ARG A 239 -32.51 18.34 -9.38
N SER A 240 -31.86 19.19 -8.61
CA SER A 240 -32.52 20.39 -8.11
C SER A 240 -32.78 21.36 -9.25
N ASN A 241 -33.99 21.93 -9.28
CA ASN A 241 -34.27 23.05 -10.16
C ASN A 241 -34.61 24.28 -9.32
N THR A 242 -33.69 24.67 -8.45
CA THR A 242 -33.91 25.73 -7.48
C THR A 242 -32.57 26.26 -7.01
N THR A 243 -32.57 27.50 -6.52
CA THR A 243 -31.39 28.03 -5.83
C THR A 243 -30.99 27.14 -4.66
N GLY A 244 -31.95 26.49 -4.00
CA GLY A 244 -31.69 25.74 -2.79
C GLY A 244 -31.13 24.35 -3.01
N LYS A 245 -30.76 23.72 -1.90
CA LYS A 245 -30.09 22.43 -1.90
C LYS A 245 -31.10 21.30 -1.71
N LEU A 246 -30.96 20.26 -2.51
CA LEU A 246 -31.85 19.11 -2.50
C LEU A 246 -31.09 17.89 -2.00
N ILE A 247 -31.64 17.20 -0.99
CA ILE A 247 -31.00 16.06 -0.36
C ILE A 247 -31.96 14.88 -0.43
N TRP A 248 -31.56 13.82 -1.13
CA TRP A 248 -32.36 12.61 -1.25
C TRP A 248 -31.96 11.60 -0.19
N LYS A 249 -32.96 10.95 0.40
CA LYS A 249 -32.74 9.82 1.32
C LYS A 249 -33.19 8.53 0.65
N VAL A 250 -32.58 7.43 1.06
CA VAL A 250 -32.79 6.12 0.45
C VAL A 250 -33.30 5.18 1.53
N ASN A 251 -34.51 4.66 1.35
CA ASN A 251 -35.13 3.84 2.39
C ASN A 251 -34.39 2.51 2.52
N PRO A 252 -34.54 1.82 3.65
CA PRO A 252 -33.71 0.62 3.88
C PRO A 252 -33.94 -0.53 2.90
N GLU A 253 -35.14 -0.64 2.33
CA GLU A 253 -35.52 -1.85 1.62
C GLU A 253 -35.11 -1.87 0.15
N ILE A 254 -34.35 -0.88 -0.31
CA ILE A 254 -33.73 -0.97 -1.63
C ILE A 254 -32.47 -1.82 -1.52
N ASP A 255 -32.08 -2.43 -2.63
CA ASP A 255 -30.91 -3.30 -2.63
C ASP A 255 -29.67 -2.54 -3.09
N THR A 256 -28.53 -2.94 -2.55
CA THR A 256 -27.24 -2.34 -2.88
C THR A 256 -26.25 -3.43 -3.24
N THR A 257 -25.41 -3.15 -4.24
CA THR A 257 -24.40 -4.10 -4.70
C THR A 257 -23.44 -4.50 -3.58
N TRP A 261 -19.60 -9.14 -0.23
CA TRP A 261 -18.30 -9.78 -0.44
C TRP A 261 -17.27 -8.77 -0.95
N ALA A 262 -16.01 -9.20 -0.99
CA ALA A 262 -14.91 -8.31 -1.39
C ALA A 262 -15.00 -7.97 -2.88
N PHE A 263 -14.24 -6.95 -3.29
CA PHE A 263 -14.35 -6.44 -4.64
C PHE A 263 -13.81 -7.40 -5.69
N TRP A 264 -12.91 -8.30 -5.31
CA TRP A 264 -12.29 -9.20 -6.27
C TRP A 264 -13.03 -10.53 -6.42
N GLU A 265 -14.13 -10.72 -5.69
CA GLU A 265 -14.88 -11.97 -5.75
C GLU A 265 -16.36 -11.71 -5.97
N SER A 276 -31.48 2.11 -13.47
CA SER A 276 -32.65 1.28 -13.74
C SER A 276 -33.94 2.11 -13.72
N GLU A 277 -35.03 1.48 -14.11
CA GLU A 277 -36.34 2.12 -14.16
C GLU A 277 -37.09 2.01 -12.84
N GLU A 278 -36.69 1.10 -11.96
CA GLU A 278 -37.52 0.64 -10.86
C GLU A 278 -37.68 1.65 -9.73
N LEU A 279 -36.88 2.71 -9.69
CA LEU A 279 -36.94 3.62 -8.56
C LEU A 279 -38.06 4.64 -8.72
N SER A 280 -38.49 5.19 -7.58
CA SER A 280 -39.54 6.21 -7.56
C SER A 280 -39.11 7.31 -6.59
N PHE A 281 -39.22 8.56 -7.03
CA PHE A 281 -38.74 9.72 -6.29
C PHE A 281 -39.91 10.59 -5.85
N THR A 282 -40.00 10.88 -4.56
CA THR A 282 -41.02 11.75 -3.99
C THR A 282 -40.37 12.76 -3.06
N VAL A 283 -40.81 14.01 -3.13
CA VAL A 283 -40.21 15.11 -2.36
C VAL A 283 -41.12 15.44 -1.18
N VAL A 284 -40.52 15.68 -0.02
CA VAL A 284 -41.24 16.04 1.19
C VAL A 284 -41.31 17.56 1.31
N UNK A 286 -33.17 24.43 2.56
CA UNK A 286 -32.95 23.02 2.29
C UNK A 286 -34.26 22.31 1.94
N UNK A 287 -34.16 21.08 1.45
CA UNK A 287 -35.34 20.31 1.07
C UNK A 287 -34.97 18.83 1.06
N UNK A 288 -35.71 18.03 1.83
CA UNK A 288 -35.47 16.60 1.91
C UNK A 288 -36.47 15.85 1.03
N UNK A 289 -36.18 14.57 0.80
CA UNK A 289 -37.00 13.73 -0.07
C UNK A 289 -36.61 12.28 0.16
N UNK A 290 -37.35 11.37 -0.49
CA UNK A 290 -37.16 9.94 -0.31
C UNK A 290 -37.25 9.22 -1.64
N UNK A 291 -36.39 8.22 -1.82
CA UNK A 291 -36.38 7.38 -3.01
C UNK A 291 -36.72 5.96 -2.61
N UNK A 292 -37.84 5.45 -3.11
CA UNK A 292 -38.34 4.13 -2.75
C UNK A 292 -38.39 3.24 -3.97
N UNK A 293 -38.53 1.94 -3.71
CA UNK A 293 -38.61 0.95 -4.79
C UNK A 293 -40.07 0.55 -5.04
N GLU B 1 11.16 -18.18 11.21
CA GLU B 1 9.77 -18.56 11.47
C GLU B 1 8.99 -18.64 10.16
N ALA B 2 7.93 -19.45 10.15
CA ALA B 2 7.03 -19.50 9.01
C ALA B 2 5.93 -18.47 9.16
N ILE B 3 5.21 -18.24 8.06
CA ILE B 3 4.25 -17.15 7.96
C ILE B 3 2.85 -17.74 7.89
N VAL B 4 2.01 -17.34 8.83
CA VAL B 4 0.62 -17.80 8.94
C VAL B 4 -0.27 -16.61 8.66
N ASN B 5 -0.92 -16.60 7.51
CA ASN B 5 -1.89 -15.55 7.24
C ASN B 5 -3.08 -15.70 8.18
N ALA B 6 -3.33 -14.66 8.97
CA ALA B 6 -4.42 -14.66 9.94
C ALA B 6 -5.36 -13.47 9.70
N GLN B 7 -5.53 -13.10 8.44
CA GLN B 7 -6.36 -11.98 8.05
C GLN B 7 -7.79 -12.45 7.74
N PRO B 8 -8.77 -11.54 7.79
CA PRO B 8 -10.14 -11.95 7.47
C PRO B 8 -10.29 -12.50 6.05
N LYS B 9 -9.55 -11.92 5.09
CA LYS B 9 -9.61 -12.35 3.71
C LYS B 9 -8.21 -12.25 3.11
N CYS B 10 -8.05 -12.87 1.93
CA CYS B 10 -6.85 -12.70 1.13
C CYS B 10 -7.23 -12.57 -0.34
N ASN B 11 -6.77 -11.51 -0.98
CA ASN B 11 -6.85 -11.40 -2.43
C ASN B 11 -5.69 -12.19 -3.01
N PRO B 12 -5.95 -13.34 -3.63
CA PRO B 12 -4.84 -14.23 -4.04
C PRO B 12 -4.08 -13.75 -5.27
N ASN B 13 -4.57 -12.74 -5.98
CA ASN B 13 -3.91 -12.22 -7.16
C ASN B 13 -3.33 -10.84 -6.87
N LEU B 14 -2.13 -10.59 -7.37
CA LEU B 14 -1.42 -9.33 -7.14
C LEU B 14 -1.24 -8.60 -8.47
N HIS B 15 -2.03 -7.54 -8.67
CA HIS B 15 -1.94 -6.68 -9.83
C HIS B 15 -1.11 -5.46 -9.43
N TYR B 16 0.13 -5.39 -9.90
CA TYR B 16 1.08 -4.45 -9.35
C TYR B 16 1.52 -3.39 -10.36
N TRP B 17 2.14 -2.34 -9.82
CA TRP B 17 2.75 -1.26 -10.58
C TRP B 17 4.14 -0.98 -10.03
N THR B 18 5.04 -0.53 -10.91
CA THR B 18 6.40 -0.19 -10.52
C THR B 18 7.06 0.53 -11.69
N THR B 19 8.35 0.83 -11.53
CA THR B 19 9.16 1.40 -12.59
C THR B 19 9.99 0.31 -13.26
N GLN B 20 10.42 0.58 -14.49
CA GLN B 20 11.11 -0.41 -15.30
C GLN B 20 12.58 -0.49 -14.91
N ASP B 21 13.09 -1.72 -14.77
CA ASP B 21 14.47 -1.95 -14.40
C ASP B 21 15.37 -2.34 -15.57
N GLU B 22 14.83 -2.97 -16.61
CA GLU B 22 15.64 -3.51 -17.69
C GLU B 22 15.20 -2.93 -19.04
N GLY B 23 16.13 -2.90 -19.99
CA GLY B 23 15.83 -2.44 -21.33
C GLY B 23 16.20 -0.98 -21.57
N ALA B 24 16.93 -0.73 -22.65
CA ALA B 24 17.32 0.63 -22.99
C ALA B 24 16.12 1.43 -23.51
N ALA B 25 16.25 2.76 -23.43
CA ALA B 25 15.19 3.63 -23.89
C ALA B 25 15.11 3.62 -25.42
N ILE B 26 14.01 4.14 -25.94
CA ILE B 26 13.74 4.19 -27.37
C ILE B 26 13.92 5.63 -27.83
N GLY B 27 15.00 5.88 -28.56
CA GLY B 27 15.22 7.20 -29.12
C GLY B 27 15.57 8.21 -28.05
N LEU B 28 14.84 9.32 -28.03
CA LEU B 28 15.09 10.43 -27.11
C LEU B 28 14.26 10.33 -25.83
N ALA B 29 13.55 9.23 -25.62
CA ALA B 29 12.63 9.12 -24.48
C ALA B 29 13.34 9.17 -23.14
N TRP B 30 14.66 8.98 -23.09
CA TRP B 30 15.39 9.03 -21.83
C TRP B 30 15.70 10.45 -21.39
N ILE B 31 15.61 11.42 -22.30
CA ILE B 31 15.88 12.82 -21.99
C ILE B 31 14.69 13.37 -21.20
N PRO B 32 14.90 13.96 -20.03
CA PRO B 32 13.77 14.49 -19.25
C PRO B 32 12.90 15.46 -20.03
N TYR B 33 13.50 16.29 -20.88
CA TYR B 33 12.72 17.29 -21.61
C TYR B 33 11.72 16.63 -22.55
N PHE B 34 12.08 15.49 -23.13
CA PHE B 34 11.21 14.81 -24.10
C PHE B 34 10.44 13.64 -23.51
N GLY B 35 10.85 13.13 -22.34
CA GLY B 35 10.29 11.91 -21.82
C GLY B 35 8.91 12.07 -21.19
N PRO B 36 8.41 11.01 -20.57
CA PRO B 36 7.07 11.05 -20.00
C PRO B 36 7.02 11.89 -18.74
N ALA B 37 5.80 12.28 -18.37
CA ALA B 37 5.57 13.00 -17.13
C ALA B 37 5.53 12.02 -15.96
N ALA B 38 5.30 12.54 -14.76
CA ALA B 38 5.34 11.71 -13.56
C ALA B 38 4.31 10.59 -13.61
N GLU B 39 3.19 10.83 -14.29
CA GLU B 39 2.11 9.83 -14.35
C GLU B 39 2.38 8.71 -15.34
N GLY B 40 3.40 8.83 -16.18
CA GLY B 40 3.59 7.85 -17.23
C GLY B 40 4.90 7.08 -17.19
N ILE B 41 5.48 6.90 -16.00
CA ILE B 41 6.74 6.20 -15.85
C ILE B 41 6.56 4.76 -15.39
N TYR B 42 5.32 4.28 -15.28
CA TYR B 42 5.03 3.03 -14.61
C TYR B 42 4.82 1.88 -15.60
N ILE B 43 5.21 0.69 -15.17
CA ILE B 43 4.83 -0.55 -15.83
C ILE B 43 3.90 -1.31 -14.89
N GLU B 44 3.23 -2.33 -15.44
CA GLU B 44 2.29 -3.13 -14.67
C GLU B 44 2.61 -4.61 -14.83
N GLY B 45 2.10 -5.40 -13.89
CA GLY B 45 2.29 -6.84 -13.91
C GLY B 45 1.22 -7.53 -13.09
N LEU B 46 1.19 -8.86 -13.21
CA LEU B 46 0.21 -9.67 -12.50
C LEU B 46 0.86 -11.00 -12.12
N MET B 47 0.76 -11.37 -10.85
CA MET B 47 1.23 -12.66 -10.37
C MET B 47 0.15 -13.34 -9.54
N HIS B 48 0.08 -14.66 -9.64
CA HIS B 48 -0.92 -15.44 -8.95
C HIS B 48 -0.30 -16.12 -7.72
N ASN B 49 -1.15 -16.83 -6.96
CA ASN B 49 -0.78 -17.32 -5.63
C ASN B 49 -0.02 -18.65 -5.67
N GLN B 50 0.95 -18.80 -6.57
CA GLN B 50 1.76 -20.00 -6.59
C GLN B 50 2.59 -20.09 -5.33
N ASP B 51 2.67 -21.31 -4.77
CA ASP B 51 3.34 -21.58 -3.49
C ASP B 51 2.81 -20.72 -2.35
N GLY B 52 1.60 -20.19 -2.51
CA GLY B 52 1.00 -19.36 -1.48
C GLY B 52 1.74 -18.07 -1.19
N LEU B 53 2.51 -17.57 -2.16
CA LEU B 53 3.39 -16.45 -1.89
C LEU B 53 2.63 -15.15 -1.72
N ILE B 54 1.50 -14.98 -2.41
CA ILE B 54 0.77 -13.72 -2.33
C ILE B 54 0.13 -13.56 -0.96
N CYS B 55 -0.60 -14.58 -0.49
CA CYS B 55 -1.20 -14.48 0.84
C CYS B 55 -0.14 -14.45 1.94
N GLY B 56 0.98 -15.13 1.73
CA GLY B 56 2.08 -15.01 2.67
C GLY B 56 2.65 -13.60 2.69
N LEU B 57 2.73 -12.97 1.53
CA LEU B 57 3.29 -11.61 1.45
C LEU B 57 2.40 -10.61 2.15
N ARG B 58 1.08 -10.76 2.04
CA ARG B 58 0.17 -9.86 2.74
C ARG B 58 0.34 -9.97 4.25
N GLN B 59 0.54 -11.20 4.74
CA GLN B 59 0.75 -11.38 6.17
C GLN B 59 2.11 -10.86 6.59
N LEU B 60 3.12 -11.00 5.73
CA LEU B 60 4.46 -10.52 6.07
C LEU B 60 4.48 -9.01 6.26
N ALA B 61 3.88 -8.27 5.31
CA ALA B 61 3.81 -6.82 5.43
C ALA B 61 3.07 -6.41 6.70
N ASN B 62 1.97 -7.09 7.02
CA ASN B 62 1.25 -6.82 8.26
C ASN B 62 2.16 -7.00 9.47
N GLU B 63 2.89 -8.11 9.52
CA GLU B 63 3.73 -8.40 10.68
C GLU B 63 4.98 -7.53 10.75
N THR B 64 5.36 -6.90 9.64
CA THR B 64 6.54 -6.05 9.62
C THR B 64 6.29 -4.71 10.31
N THR B 65 5.02 -4.33 10.47
CA THR B 65 4.68 -2.95 10.80
C THR B 65 5.21 -2.53 12.16
N GLN B 66 5.12 -3.39 13.17
CA GLN B 66 5.52 -2.97 14.52
C GLN B 66 6.99 -2.60 14.56
N ALA B 67 7.86 -3.50 14.08
CA ALA B 67 9.30 -3.22 14.10
C ALA B 67 9.65 -2.03 13.22
N LEU B 68 8.98 -1.89 12.08
CA LEU B 68 9.24 -0.75 11.19
C LEU B 68 8.83 0.56 11.85
N GLN B 69 7.67 0.58 12.51
CA GLN B 69 7.22 1.80 13.18
C GLN B 69 8.13 2.17 14.36
N LEU B 70 8.65 1.18 15.09
CA LEU B 70 9.57 1.49 16.17
C LEU B 70 10.90 2.00 15.65
N PHE B 71 11.35 1.52 14.49
CA PHE B 71 12.54 2.06 13.86
C PHE B 71 12.32 3.52 13.45
N LEU B 72 11.16 3.82 12.84
CA LEU B 72 10.88 5.19 12.43
C LEU B 72 10.75 6.12 13.62
N ARG B 73 10.22 5.63 14.74
CA ARG B 73 10.13 6.46 15.95
C ARG B 73 11.50 6.90 16.44
N ALA B 74 12.51 6.04 16.28
CA ALA B 74 13.82 6.28 16.86
C ALA B 74 14.78 7.02 15.93
N THR B 75 14.48 7.11 14.64
CA THR B 75 15.35 7.81 13.71
C THR B 75 14.99 9.29 13.66
N THR B 76 15.98 10.13 13.37
CA THR B 76 15.76 11.55 13.17
C THR B 76 15.74 11.95 11.70
N GLU B 77 16.01 11.01 10.80
CA GLU B 77 15.83 11.27 9.38
C GLU B 77 14.37 11.52 9.07
N LEU B 78 14.10 12.55 8.28
CA LEU B 78 12.72 12.81 7.88
C LEU B 78 12.23 11.77 6.88
N ARG B 79 13.08 11.38 5.93
CA ARG B 79 12.74 10.37 4.94
C ARG B 79 13.83 9.31 4.90
N THR B 80 13.44 8.05 5.03
CA THR B 80 14.39 6.94 5.21
C THR B 80 14.48 6.13 3.91
N PHE B 81 15.67 6.11 3.31
CA PHE B 81 15.89 5.37 2.08
C PHE B 81 16.91 4.25 2.22
N SER B 82 17.48 4.05 3.41
CA SER B 82 18.71 3.28 3.58
C SER B 82 18.48 1.90 4.16
N ILE B 83 17.23 1.46 4.33
CA ILE B 83 16.97 0.21 5.03
C ILE B 83 17.57 -0.98 4.28
N LEU B 84 17.39 -1.02 2.96
CA LEU B 84 17.84 -2.17 2.19
C LEU B 84 19.37 -2.20 2.08
N ASN B 85 20.00 -1.04 1.91
CA ASN B 85 21.46 -1.00 1.89
C ASN B 85 22.04 -1.48 3.20
N ARG B 86 21.42 -1.12 4.32
CA ARG B 86 21.91 -1.58 5.61
C ARG B 86 21.71 -3.09 5.78
N LYS B 87 20.63 -3.64 5.24
CA LYS B 87 20.44 -5.08 5.24
C LYS B 87 21.57 -5.77 4.48
N ALA B 88 21.93 -5.23 3.31
CA ALA B 88 23.02 -5.82 2.54
C ALA B 88 24.33 -5.79 3.31
N ILE B 89 24.61 -4.67 3.99
CA ILE B 89 25.83 -4.57 4.78
C ILE B 89 25.83 -5.60 5.89
N ASP B 90 24.69 -5.75 6.58
CA ASP B 90 24.59 -6.72 7.66
C ASP B 90 24.70 -8.15 7.16
N PHE B 91 24.24 -8.42 5.93
CA PHE B 91 24.45 -9.73 5.34
C PHE B 91 25.94 -10.04 5.24
N LEU B 92 26.73 -9.07 4.78
CA LEU B 92 28.15 -9.32 4.56
C LEU B 92 28.90 -9.43 5.89
N LEU B 93 28.57 -8.57 6.85
CA LEU B 93 29.24 -8.61 8.14
C LEU B 93 28.99 -9.92 8.88
N GLN B 94 27.80 -10.51 8.70
CA GLN B 94 27.47 -11.76 9.40
C GLN B 94 28.38 -12.90 8.95
N ARG B 95 28.74 -12.94 7.67
CA ARG B 95 29.56 -14.01 7.12
C ARG B 95 31.04 -13.66 7.06
N TRP B 96 31.39 -12.39 6.92
CA TRP B 96 32.78 -12.00 6.69
C TRP B 96 33.29 -10.96 7.66
N GLY B 97 32.57 -10.70 8.75
CA GLY B 97 33.01 -9.75 9.74
C GLY B 97 34.05 -10.26 10.71
N GLY B 98 34.42 -11.54 10.60
CA GLY B 98 35.46 -12.09 11.44
C GLY B 98 36.33 -13.08 10.68
N THR B 99 37.17 -13.81 11.41
CA THR B 99 38.03 -14.80 10.78
C THR B 99 37.22 -16.01 10.34
N CYS B 100 37.40 -16.42 9.09
CA CYS B 100 36.67 -17.54 8.50
C CYS B 100 37.43 -18.83 8.80
N HIS B 101 36.92 -19.63 9.74
CA HIS B 101 37.53 -20.92 10.06
C HIS B 101 36.99 -21.96 9.09
N ILE B 102 37.83 -22.41 8.15
CA ILE B 102 37.40 -23.39 7.16
C ILE B 102 36.90 -24.65 7.87
N LEU B 103 35.80 -25.20 7.34
CA LEU B 103 35.06 -26.36 7.81
C LEU B 103 34.09 -26.03 8.94
N GLY B 104 34.18 -24.84 9.54
CA GLY B 104 33.26 -24.44 10.58
C GLY B 104 31.89 -24.11 10.03
N PRO B 105 30.88 -24.05 10.91
CA PRO B 105 29.52 -23.81 10.44
C PRO B 105 29.24 -22.38 10.03
N ASP B 106 30.01 -21.41 10.50
CA ASP B 106 29.79 -20.00 10.20
C ASP B 106 30.70 -19.47 9.09
N CYS B 107 31.45 -20.34 8.44
CA CYS B 107 32.39 -19.94 7.39
C CYS B 107 31.94 -20.54 6.06
N CYS B 108 31.58 -19.67 5.12
CA CYS B 108 31.02 -20.10 3.83
C CYS B 108 32.11 -20.27 2.78
N ILE B 109 33.08 -21.14 3.09
CA ILE B 109 34.16 -21.49 2.18
C ILE B 109 34.09 -22.99 1.92
N GLU B 110 33.98 -23.37 0.65
CA GLU B 110 33.89 -24.77 0.28
C GLU B 110 35.23 -25.23 -0.29
N PRO B 111 35.96 -26.13 0.38
CA PRO B 111 37.18 -26.68 -0.23
C PRO B 111 36.98 -28.09 -0.76
N ALA B 112 35.76 -28.38 -1.26
CA ALA B 112 35.48 -29.73 -1.75
C ALA B 112 36.34 -30.06 -2.96
N ASP B 113 36.31 -29.21 -3.98
CA ASP B 113 37.24 -29.36 -5.10
C ASP B 113 38.68 -29.26 -4.62
N TRP B 114 38.93 -28.43 -3.60
CA TRP B 114 40.29 -28.27 -3.09
C TRP B 114 40.84 -29.56 -2.53
N THR B 115 39.98 -30.44 -2.00
CA THR B 115 40.44 -31.75 -1.57
C THR B 115 40.77 -32.62 -2.77
N LYS B 116 39.86 -32.71 -3.74
CA LYS B 116 40.10 -33.54 -4.91
C LYS B 116 41.28 -33.03 -5.74
N ASN B 117 41.69 -31.78 -5.54
CA ASN B 117 42.93 -31.32 -6.14
C ASN B 117 44.15 -31.88 -5.40
N ILE B 118 44.03 -32.05 -4.09
CA ILE B 118 45.13 -32.57 -3.29
C ILE B 118 45.01 -34.09 -3.10
N THR B 119 43.79 -34.61 -2.97
CA THR B 119 43.62 -36.05 -2.85
C THR B 119 43.73 -36.78 -4.18
N ASP B 120 43.76 -36.06 -5.30
CA ASP B 120 44.16 -36.67 -6.56
C ASP B 120 45.67 -36.75 -6.68
N LYS B 121 46.37 -35.83 -6.01
CA LYS B 121 47.83 -35.84 -5.96
C LYS B 121 48.38 -36.65 -4.80
N ILE B 122 47.57 -37.54 -4.21
CA ILE B 122 48.11 -38.56 -3.34
C ILE B 122 49.06 -39.45 -4.13
N ASP B 123 48.68 -39.80 -5.36
CA ASP B 123 49.50 -40.62 -6.25
C ASP B 123 50.34 -39.76 -7.19
N GLN B 124 50.82 -38.62 -6.69
CA GLN B 124 51.83 -37.84 -7.38
C GLN B 124 53.23 -38.09 -6.85
N ILE B 125 53.34 -38.69 -5.67
CA ILE B 125 54.64 -38.97 -5.05
C ILE B 125 54.59 -40.30 -4.31
N ILE B 126 53.43 -40.69 -3.81
CA ILE B 126 53.33 -41.99 -3.14
C ILE B 126 53.27 -43.14 -4.13
N HIS B 127 52.89 -42.89 -5.39
CA HIS B 127 52.82 -43.97 -6.37
C HIS B 127 53.97 -43.97 -7.37
N ASP B 128 54.45 -42.80 -7.79
CA ASP B 128 55.66 -42.77 -8.60
C ASP B 128 56.90 -42.73 -7.70
N PHE B 129 56.91 -43.67 -6.76
CA PHE B 129 57.98 -43.84 -5.78
C PHE B 129 58.88 -45.02 -6.19
N VAL B 130 59.46 -44.88 -7.38
CA VAL B 130 60.27 -45.95 -7.97
C VAL B 130 61.57 -46.13 -7.20
#